data_6F8J
#
_entry.id   6F8J
#
_cell.length_a   99.790
_cell.length_b   99.790
_cell.length_c   50.210
_cell.angle_alpha   90.000
_cell.angle_beta   90.000
_cell.angle_gamma   120.000
#
_symmetry.space_group_name_H-M   'P 32 2 1'
#
loop_
_entity.id
_entity.type
_entity.pdbx_description
1 polymer 'DNA gyrase subunit B'
2 non-polymer 6-(ethylcarbamoylamino)-4-pyrazol-1-yl-~{N}-pyridin-3-yl-pyridine-3-carboxamide
3 water water
#
_entity_poly.entity_id   1
_entity_poly.type   'polypeptide(L)'
_entity_poly.pdbx_seq_one_letter_code
;SMSNSYDSSSIKVLKGLDAVRKRPGMYIGDTDDGTGLHHMVFEVVDNAIDEALAGHCKEIIVTIHADNSVSVQDDGRGIP
TGIHPEEGVSAAEVIMTVLHAGGKFDDNSYKVSGGLHGVGVSVVNALSQKLELVIQREGKIHRQIYEHGVPQAPLAVTGE
TEKTGTMVRFWPSLETFTNVTEFEYEILAKRLRELSFLNSGVSIRLRDKRDGKEDHFHYEG
;
_entity_poly.pdbx_strand_id   A
#
# COMPACT_ATOMS: atom_id res chain seq x y z
N GLY A 16 -12.49 -1.49 16.34
CA GLY A 16 -11.37 -2.12 15.58
C GLY A 16 -10.50 -1.04 14.95
N LEU A 17 -11.01 -0.44 13.87
CA LEU A 17 -10.34 0.71 13.25
C LEU A 17 -10.23 1.84 14.26
N ASP A 18 -11.20 1.96 15.18
CA ASP A 18 -11.12 2.99 16.21
C ASP A 18 -10.00 2.74 17.24
N ALA A 19 -9.75 1.48 17.60
CA ALA A 19 -8.58 1.13 18.43
C ALA A 19 -7.24 1.61 17.87
N VAL A 20 -7.06 1.44 16.56
CA VAL A 20 -5.82 1.80 15.88
C VAL A 20 -5.72 3.32 15.86
N ARG A 21 -6.82 3.99 15.52
CA ARG A 21 -6.90 5.46 15.46
C ARG A 21 -6.67 6.13 16.83
N LYS A 22 -7.05 5.46 17.91
CA LYS A 22 -6.83 5.99 19.26
C LYS A 22 -5.41 5.77 19.78
N ARG A 23 -4.78 4.64 19.48
CA ARG A 23 -3.42 4.39 19.96
C ARG A 23 -2.53 3.99 18.80
N PRO A 24 -2.29 4.93 17.85
CA PRO A 24 -1.60 4.60 16.60
C PRO A 24 -0.15 4.18 16.80
N GLY A 25 0.55 4.84 17.72
CA GLY A 25 1.94 4.53 18.02
C GLY A 25 2.15 3.07 18.34
N MET A 26 1.17 2.50 19.03
CA MET A 26 1.14 1.08 19.41
C MET A 26 1.16 0.14 18.20
N TYR A 27 0.52 0.56 17.11
CA TYR A 27 0.40 -0.26 15.89
C TYR A 27 1.45 0.05 14.83
N ILE A 28 1.76 1.33 14.61
CA ILE A 28 2.62 1.73 13.48
C ILE A 28 4.02 2.23 13.87
N GLY A 29 4.22 2.56 15.14
CA GLY A 29 5.47 3.18 15.61
C GLY A 29 5.25 4.67 15.83
N ASP A 30 6.33 5.35 16.21
CA ASP A 30 6.28 6.74 16.65
C ASP A 30 5.65 7.65 15.57
N THR A 31 4.64 8.41 15.94
CA THR A 31 3.90 9.23 15.01
C THR A 31 4.45 10.66 14.80
N ASP A 32 5.55 10.96 15.48
CA ASP A 32 6.06 12.31 15.65
C ASP A 32 7.46 12.52 15.08
N ASP A 33 8.09 11.49 14.53
CA ASP A 33 9.47 11.64 14.04
C ASP A 33 9.70 10.99 12.67
N GLY A 34 8.61 10.68 11.96
CA GLY A 34 8.72 10.07 10.65
C GLY A 34 8.81 8.56 10.61
N THR A 35 9.10 7.91 11.74
CA THR A 35 9.27 6.45 11.77
C THR A 35 8.01 5.71 11.36
N GLY A 36 6.93 5.97 12.09
CA GLY A 36 5.64 5.38 11.82
C GLY A 36 5.13 5.74 10.45
N LEU A 37 5.37 6.98 10.02
CA LEU A 37 4.90 7.45 8.73
C LEU A 37 5.44 6.56 7.63
N HIS A 38 6.74 6.30 7.69
CA HIS A 38 7.37 5.47 6.69
C HIS A 38 7.07 3.98 6.83
N HIS A 39 6.83 3.52 8.06
CA HIS A 39 6.39 2.14 8.29
CA HIS A 39 6.40 2.14 8.29
C HIS A 39 5.09 1.88 7.53
N MET A 40 4.26 2.91 7.38
CA MET A 40 2.99 2.79 6.61
C MET A 40 3.26 2.33 5.19
N VAL A 41 4.27 2.92 4.57
CA VAL A 41 4.66 2.52 3.23
C VAL A 41 5.16 1.06 3.24
N PHE A 42 6.03 0.74 4.19
CA PHE A 42 6.69 -0.59 4.25
C PHE A 42 5.68 -1.72 4.48
N GLU A 43 4.66 -1.48 5.29
CA GLU A 43 3.57 -2.45 5.48
C GLU A 43 2.90 -2.77 4.15
N VAL A 44 2.61 -1.75 3.36
CA VAL A 44 2.02 -1.98 2.03
C VAL A 44 2.98 -2.70 1.10
N VAL A 45 4.26 -2.31 1.10
CA VAL A 45 5.25 -2.98 0.28
C VAL A 45 5.39 -4.47 0.66
N ASP A 46 5.39 -4.78 1.95
CA ASP A 46 5.46 -6.19 2.44
C ASP A 46 4.36 -7.07 1.88
N ASN A 47 3.16 -6.50 1.66
CA ASN A 47 2.10 -7.25 1.00
C ASN A 47 2.48 -7.62 -0.43
N ALA A 48 3.03 -6.68 -1.19
CA ALA A 48 3.52 -6.96 -2.53
C ALA A 48 4.71 -7.94 -2.52
N ILE A 49 5.62 -7.76 -1.56
CA ILE A 49 6.75 -8.71 -1.39
C ILE A 49 6.22 -10.11 -1.14
N ASP A 50 5.22 -10.24 -0.28
CA ASP A 50 4.62 -11.58 -0.03
C ASP A 50 4.05 -12.19 -1.29
N GLU A 51 3.43 -11.37 -2.12
CA GLU A 51 2.94 -11.86 -3.42
C GLU A 51 4.11 -12.28 -4.34
N ALA A 52 5.25 -11.58 -4.25
CA ALA A 52 6.49 -12.00 -4.94
C ALA A 52 7.06 -13.34 -4.40
N LEU A 53 7.11 -13.48 -3.08
CA LEU A 53 7.60 -14.71 -2.45
C LEU A 53 6.76 -15.94 -2.78
N ALA A 54 5.46 -15.72 -2.99
CA ALA A 54 4.56 -16.75 -3.47
C ALA A 54 4.80 -17.06 -4.96
N GLY A 55 5.71 -16.34 -5.62
CA GLY A 55 6.06 -16.58 -7.02
C GLY A 55 5.10 -15.97 -8.02
N HIS A 56 4.39 -14.92 -7.62
CA HIS A 56 3.34 -14.35 -8.47
C HIS A 56 3.47 -12.85 -8.79
N CYS A 57 4.54 -12.21 -8.34
CA CYS A 57 4.78 -10.78 -8.62
C CYS A 57 6.25 -10.66 -8.94
N LYS A 58 6.58 -10.06 -10.10
CA LYS A 58 7.95 -9.81 -10.52
C LYS A 58 8.42 -8.36 -10.27
N GLU A 59 7.50 -7.39 -10.21
CA GLU A 59 7.87 -5.99 -10.08
C GLU A 59 6.99 -5.19 -9.16
N ILE A 60 7.62 -4.34 -8.38
CA ILE A 60 6.92 -3.49 -7.43
C ILE A 60 7.33 -2.06 -7.71
N ILE A 61 6.38 -1.17 -7.79
CA ILE A 61 6.65 0.26 -8.05
C ILE A 61 6.08 1.10 -6.90
N VAL A 62 6.96 1.87 -6.25
CA VAL A 62 6.58 2.76 -5.15
C VAL A 62 6.74 4.18 -5.71
N THR A 63 5.66 4.96 -5.67
CA THR A 63 5.64 6.30 -6.23
C THR A 63 5.29 7.30 -5.11
N ILE A 64 6.19 8.26 -4.88
CA ILE A 64 5.92 9.43 -4.02
C ILE A 64 5.28 10.52 -4.90
N HIS A 65 3.99 10.73 -4.71
CA HIS A 65 3.25 11.73 -5.46
C HIS A 65 3.48 13.13 -4.86
N ALA A 66 3.07 14.17 -5.57
CA ALA A 66 3.25 15.55 -5.06
C ALA A 66 2.07 16.11 -4.25
N ASP A 67 1.10 15.23 -3.93
CA ASP A 67 -0.12 15.56 -3.18
C ASP A 67 -0.16 14.89 -1.78
N ASN A 68 1.02 14.58 -1.24
CA ASN A 68 1.18 13.95 0.06
C ASN A 68 0.63 12.49 0.12
N SER A 69 0.64 11.80 -1.00
CA SER A 69 0.27 10.37 -1.03
C SER A 69 1.44 9.57 -1.57
N VAL A 70 1.44 8.28 -1.21
CA VAL A 70 2.31 7.27 -1.80
C VAL A 70 1.44 6.16 -2.44
N SER A 71 1.86 5.70 -3.61
CA SER A 71 1.28 4.50 -4.20
C SER A 71 2.30 3.35 -4.21
N VAL A 72 1.77 2.15 -3.99
CA VAL A 72 2.52 0.92 -4.17
C VAL A 72 1.71 0.10 -5.17
N GLN A 73 2.38 -0.28 -6.26
CA GLN A 73 1.78 -1.08 -7.33
C GLN A 73 2.59 -2.38 -7.49
N ASP A 74 1.90 -3.50 -7.66
CA ASP A 74 2.55 -4.76 -8.01
C ASP A 74 1.88 -5.34 -9.25
N ASP A 75 2.52 -6.35 -9.81
CA ASP A 75 1.98 -7.02 -11.00
C ASP A 75 1.59 -8.44 -10.64
N GLY A 76 1.08 -8.64 -9.43
CA GLY A 76 0.70 -9.95 -8.93
C GLY A 76 -0.69 -10.35 -9.39
N ARG A 77 -1.28 -11.31 -8.70
CA ARG A 77 -2.57 -11.86 -9.04
C ARG A 77 -3.75 -10.93 -8.77
N GLY A 78 -3.54 -9.90 -7.93
CA GLY A 78 -4.62 -9.02 -7.54
C GLY A 78 -5.19 -9.51 -6.24
N ILE A 79 -5.54 -8.60 -5.34
CA ILE A 79 -6.32 -8.94 -4.13
C ILE A 79 -7.65 -9.54 -4.62
N PRO A 80 -8.14 -10.59 -3.92
CA PRO A 80 -9.42 -11.18 -4.34
C PRO A 80 -10.55 -10.18 -4.32
N THR A 81 -11.44 -10.30 -5.29
CA THR A 81 -12.51 -9.33 -5.51
C THR A 81 -13.89 -9.90 -5.37
N GLY A 82 -13.99 -11.18 -5.02
CA GLY A 82 -15.26 -11.82 -4.92
C GLY A 82 -16.07 -11.28 -3.76
N ILE A 83 -17.37 -11.45 -3.84
CA ILE A 83 -18.34 -11.03 -2.86
C ILE A 83 -18.88 -12.27 -2.15
N HIS A 84 -19.07 -12.14 -0.83
CA HIS A 84 -19.79 -13.10 -0.06
C HIS A 84 -21.28 -12.82 -0.29
N PRO A 85 -22.02 -13.76 -0.90
CA PRO A 85 -23.40 -13.45 -1.29
C PRO A 85 -24.35 -13.10 -0.13
N GLU A 86 -24.23 -13.74 1.03
CA GLU A 86 -25.12 -13.38 2.16
C GLU A 86 -24.76 -12.04 2.81
N GLU A 87 -23.48 -11.68 2.81
CA GLU A 87 -23.02 -10.47 3.50
C GLU A 87 -22.96 -9.26 2.57
N GLY A 88 -22.76 -9.50 1.28
CA GLY A 88 -22.58 -8.42 0.32
C GLY A 88 -21.25 -7.68 0.38
N VAL A 89 -20.31 -8.13 1.22
CA VAL A 89 -19.03 -7.47 1.37
C VAL A 89 -17.99 -8.25 0.54
N SER A 90 -17.17 -7.51 -0.20
CA SER A 90 -16.11 -8.09 -0.97
C SER A 90 -14.98 -8.53 -0.08
N ALA A 91 -14.21 -9.51 -0.56
CA ALA A 91 -12.99 -9.98 0.11
C ALA A 91 -12.01 -8.85 0.27
N ALA A 92 -11.92 -8.02 -0.77
CA ALA A 92 -11.05 -6.88 -0.77
C ALA A 92 -11.33 -6.02 0.45
N GLU A 93 -12.59 -5.72 0.69
CA GLU A 93 -12.95 -4.89 1.83
C GLU A 93 -12.61 -5.54 3.17
N VAL A 94 -12.79 -6.86 3.28
CA VAL A 94 -12.42 -7.56 4.49
C VAL A 94 -10.94 -7.38 4.75
N ILE A 95 -10.14 -7.55 3.72
CA ILE A 95 -8.71 -7.44 3.83
C ILE A 95 -8.28 -6.03 4.27
N MET A 96 -8.96 -5.02 3.71
CA MET A 96 -8.63 -3.64 3.99
C MET A 96 -9.11 -3.16 5.35
N THR A 97 -10.06 -3.85 5.99
CA THR A 97 -10.71 -3.35 7.20
C THR A 97 -10.52 -4.17 8.46
N VAL A 98 -10.13 -5.44 8.37
CA VAL A 98 -10.06 -6.32 9.56
C VAL A 98 -8.62 -6.47 10.06
N LEU A 99 -8.43 -6.34 11.37
CA LEU A 99 -7.17 -6.72 12.03
C LEU A 99 -7.19 -8.23 12.24
N GLY A 118 4.62 -7.48 11.38
CA GLY A 118 3.70 -7.42 10.24
C GLY A 118 2.30 -7.03 10.68
N VAL A 119 2.05 -5.73 10.81
CA VAL A 119 0.82 -5.21 11.43
C VAL A 119 -0.40 -5.17 10.48
N GLY A 120 -0.16 -5.18 9.17
CA GLY A 120 -1.22 -5.39 8.19
C GLY A 120 -1.68 -4.11 7.51
N VAL A 121 -2.20 -4.25 6.31
CA VAL A 121 -2.66 -3.10 5.54
C VAL A 121 -3.90 -2.38 6.13
N SER A 122 -4.70 -3.09 6.93
CA SER A 122 -5.85 -2.49 7.59
C SER A 122 -5.46 -1.43 8.59
N VAL A 123 -4.29 -1.59 9.23
CA VAL A 123 -3.73 -0.54 10.10
C VAL A 123 -3.40 0.72 9.26
N VAL A 124 -2.78 0.53 8.11
CA VAL A 124 -2.41 1.63 7.21
C VAL A 124 -3.68 2.40 6.80
N ASN A 125 -4.72 1.62 6.47
CA ASN A 125 -6.02 2.13 6.12
C ASN A 125 -6.61 2.99 7.26
N ALA A 126 -6.58 2.44 8.48
CA ALA A 126 -7.13 3.13 9.64
C ALA A 126 -6.49 4.49 9.82
N LEU A 127 -5.19 4.56 9.55
CA LEU A 127 -4.39 5.73 9.81
C LEU A 127 -4.16 6.61 8.56
N SER A 128 -4.94 6.37 7.50
CA SER A 128 -4.97 7.23 6.30
C SER A 128 -6.25 8.03 6.25
N GLN A 129 -6.13 9.33 6.03
CA GLN A 129 -7.30 10.16 5.74
C GLN A 129 -8.03 9.62 4.53
N LYS A 130 -7.27 9.09 3.59
CA LYS A 130 -7.83 8.45 2.41
C LYS A 130 -6.94 7.33 1.92
N LEU A 131 -7.56 6.25 1.48
CA LEU A 131 -6.86 5.16 0.82
C LEU A 131 -7.64 4.72 -0.41
N GLU A 132 -6.96 4.57 -1.54
CA GLU A 132 -7.55 4.06 -2.76
C GLU A 132 -6.93 2.69 -3.10
N LEU A 133 -7.81 1.74 -3.39
CA LEU A 133 -7.43 0.39 -3.79
C LEU A 133 -7.89 0.17 -5.22
N VAL A 134 -6.97 -0.22 -6.10
CA VAL A 134 -7.30 -0.60 -7.48
C VAL A 134 -6.72 -1.96 -7.74
N ILE A 135 -7.58 -2.88 -8.16
CA ILE A 135 -7.19 -4.25 -8.41
C ILE A 135 -7.49 -4.58 -9.85
N GLN A 136 -6.47 -5.11 -10.52
CA GLN A 136 -6.60 -5.66 -11.87
C GLN A 136 -6.58 -7.20 -11.78
N ARG A 137 -7.69 -7.82 -12.11
CA ARG A 137 -7.82 -9.24 -11.94
C ARG A 137 -8.96 -9.76 -12.81
N GLU A 138 -8.73 -10.93 -13.42
CA GLU A 138 -9.73 -11.64 -14.22
C GLU A 138 -10.36 -10.76 -15.32
N GLY A 139 -9.51 -9.94 -15.94
CA GLY A 139 -9.95 -9.04 -17.00
C GLY A 139 -10.65 -7.74 -16.60
N LYS A 140 -10.80 -7.45 -15.31
CA LYS A 140 -11.52 -6.23 -14.85
C LYS A 140 -10.69 -5.42 -13.89
N ILE A 141 -10.90 -4.10 -13.90
CA ILE A 141 -10.36 -3.19 -12.92
C ILE A 141 -11.41 -3.03 -11.84
N HIS A 142 -11.00 -3.14 -10.57
CA HIS A 142 -11.89 -2.95 -9.43
C HIS A 142 -11.35 -1.84 -8.55
N ARG A 143 -12.24 -1.03 -7.99
CA ARG A 143 -11.78 0.11 -7.21
C ARG A 143 -12.65 0.33 -5.99
N GLN A 144 -12.00 0.71 -4.88
CA GLN A 144 -12.66 1.11 -3.66
C GLN A 144 -11.87 2.22 -2.97
N ILE A 145 -12.61 3.14 -2.36
CA ILE A 145 -12.06 4.26 -1.64
C ILE A 145 -12.47 4.13 -0.19
N TYR A 146 -11.54 4.39 0.72
CA TYR A 146 -11.81 4.46 2.17
C TYR A 146 -11.37 5.82 2.70
N GLU A 147 -12.00 6.26 3.78
CA GLU A 147 -11.51 7.40 4.56
C GLU A 147 -11.41 7.02 6.03
N HIS A 148 -10.22 7.19 6.61
CA HIS A 148 -9.93 6.73 7.98
C HIS A 148 -10.36 5.27 8.18
N GLY A 149 -10.16 4.47 7.14
CA GLY A 149 -10.51 3.05 7.15
C GLY A 149 -11.93 2.68 6.82
N VAL A 150 -12.82 3.67 6.70
CA VAL A 150 -14.24 3.45 6.42
C VAL A 150 -14.45 3.44 4.91
N PRO A 151 -14.98 2.32 4.36
CA PRO A 151 -15.23 2.30 2.92
C PRO A 151 -16.30 3.30 2.53
N GLN A 152 -16.08 4.01 1.43
CA GLN A 152 -16.97 5.08 1.00
C GLN A 152 -18.10 4.59 0.09
N ALA A 153 -17.85 3.50 -0.62
CA ALA A 153 -18.85 2.78 -1.39
C ALA A 153 -18.32 1.37 -1.61
N PRO A 154 -19.17 0.45 -2.08
CA PRO A 154 -18.66 -0.90 -2.30
C PRO A 154 -17.59 -0.99 -3.41
N LEU A 155 -16.76 -2.02 -3.36
CA LEU A 155 -15.81 -2.28 -4.44
C LEU A 155 -16.59 -2.30 -5.73
N ALA A 156 -16.10 -1.58 -6.74
CA ALA A 156 -16.83 -1.50 -8.01
C ALA A 156 -15.92 -1.72 -9.23
N VAL A 157 -16.51 -2.24 -10.29
CA VAL A 157 -15.80 -2.42 -11.56
C VAL A 157 -15.68 -1.06 -12.29
N THR A 158 -14.45 -0.72 -12.67
CA THR A 158 -14.16 0.57 -13.31
C THR A 158 -13.51 0.45 -14.68
N GLY A 159 -13.50 -0.74 -15.28
CA GLY A 159 -12.89 -0.93 -16.59
C GLY A 159 -12.47 -2.38 -16.81
N GLU A 160 -11.90 -2.63 -17.98
CA GLU A 160 -11.31 -3.92 -18.31
C GLU A 160 -9.83 -3.73 -18.51
N THR A 161 -9.11 -4.84 -18.48
CA THR A 161 -7.66 -4.81 -18.46
C THR A 161 -7.13 -6.18 -18.88
N GLU A 162 -5.99 -6.17 -19.52
CA GLU A 162 -5.23 -7.33 -19.87
C GLU A 162 -4.15 -7.62 -18.80
N LYS A 163 -3.99 -6.75 -17.81
CA LYS A 163 -2.98 -6.89 -16.75
C LYS A 163 -3.59 -7.42 -15.44
N THR A 164 -2.70 -7.80 -14.53
CA THR A 164 -3.09 -8.11 -13.16
C THR A 164 -2.21 -7.35 -12.16
N GLY A 165 -2.78 -7.09 -11.00
CA GLY A 165 -2.02 -6.56 -9.92
C GLY A 165 -2.83 -5.77 -8.96
N THR A 166 -2.14 -5.22 -7.98
CA THR A 166 -2.79 -4.48 -6.94
C THR A 166 -2.06 -3.15 -6.79
N MET A 167 -2.84 -2.08 -6.66
N MET A 167 -2.85 -2.09 -6.62
CA MET A 167 -2.35 -0.70 -6.42
CA MET A 167 -2.32 -0.75 -6.39
C MET A 167 -3.00 -0.18 -5.15
C MET A 167 -2.99 -0.16 -5.16
N VAL A 168 -2.19 0.24 -4.18
CA VAL A 168 -2.70 0.90 -2.99
C VAL A 168 -2.08 2.31 -2.99
N ARG A 169 -2.91 3.34 -2.91
CA ARG A 169 -2.44 4.71 -2.82
C ARG A 169 -3.04 5.28 -1.56
N PHE A 170 -2.23 5.88 -0.69
CA PHE A 170 -2.78 6.44 0.55
C PHE A 170 -2.23 7.78 0.93
N TRP A 171 -3.07 8.56 1.60
CA TRP A 171 -2.76 9.87 2.08
C TRP A 171 -2.79 9.76 3.61
N PRO A 172 -1.65 9.97 4.29
CA PRO A 172 -1.64 9.70 5.73
C PRO A 172 -2.50 10.68 6.51
N SER A 173 -3.07 10.20 7.61
CA SER A 173 -3.86 11.04 8.48
C SER A 173 -3.02 12.16 9.13
N LEU A 174 -3.42 13.41 8.89
CA LEU A 174 -2.75 14.54 9.50
C LEU A 174 -3.27 14.82 10.92
N GLU A 175 -4.26 14.06 11.36
CA GLU A 175 -4.59 13.97 12.77
C GLU A 175 -3.65 13.03 13.54
N THR A 176 -3.05 12.05 12.85
CA THR A 176 -2.18 11.07 13.51
C THR A 176 -0.72 11.52 13.48
N PHE A 177 -0.24 11.88 12.31
CA PHE A 177 1.18 12.16 12.10
C PHE A 177 1.51 13.64 12.23
N THR A 178 2.58 13.93 12.98
CA THR A 178 3.07 15.28 13.27
C THR A 178 4.58 15.40 12.97
N ASN A 179 5.06 16.64 12.76
CA ASN A 179 6.50 17.00 12.54
C ASN A 179 7.03 16.54 11.21
N VAL A 180 6.98 15.23 10.98
CA VAL A 180 7.36 14.67 9.70
C VAL A 180 6.06 14.11 9.15
N THR A 181 5.43 14.85 8.22
CA THR A 181 4.17 14.46 7.56
C THR A 181 4.31 14.22 6.08
N GLU A 182 5.52 14.40 5.57
CA GLU A 182 5.81 14.11 4.18
C GLU A 182 6.79 12.94 4.08
N PHE A 183 6.62 12.16 3.02
CA PHE A 183 7.52 11.05 2.71
C PHE A 183 8.88 11.54 2.22
N GLU A 184 9.92 10.85 2.66
CA GLU A 184 11.29 11.28 2.47
C GLU A 184 11.98 10.19 1.66
N TYR A 185 12.51 10.59 0.50
CA TYR A 185 13.06 9.66 -0.48
C TYR A 185 14.11 8.72 0.10
N GLU A 186 15.07 9.25 0.86
CA GLU A 186 16.20 8.43 1.29
C GLU A 186 15.77 7.30 2.25
N ILE A 187 14.76 7.54 3.07
CA ILE A 187 14.22 6.52 3.96
C ILE A 187 13.61 5.36 3.18
N LEU A 188 12.84 5.70 2.14
CA LEU A 188 12.26 4.67 1.30
C LEU A 188 13.33 3.98 0.49
N ALA A 189 14.26 4.75 -0.07
CA ALA A 189 15.29 4.17 -0.90
C ALA A 189 16.13 3.14 -0.13
N LYS A 190 16.49 3.44 1.12
CA LYS A 190 17.34 2.57 1.91
C LYS A 190 16.64 1.24 2.16
N ARG A 191 15.39 1.31 2.59
CA ARG A 191 14.65 0.13 2.94
C ARG A 191 14.21 -0.68 1.72
N LEU A 192 13.83 0.00 0.63
CA LEU A 192 13.47 -0.70 -0.61
C LEU A 192 14.66 -1.47 -1.22
N ARG A 193 15.83 -0.86 -1.17
CA ARG A 193 17.05 -1.53 -1.62
C ARG A 193 17.26 -2.83 -0.82
N GLU A 194 17.14 -2.72 0.51
CA GLU A 194 17.25 -3.88 1.40
C GLU A 194 16.24 -4.96 1.07
N LEU A 195 14.98 -4.55 0.90
CA LEU A 195 13.95 -5.50 0.55
C LEU A 195 14.25 -6.20 -0.79
N SER A 196 14.83 -5.50 -1.76
CA SER A 196 15.17 -6.13 -3.02
CA SER A 196 15.20 -6.10 -3.04
C SER A 196 16.30 -7.16 -2.86
N PHE A 197 17.30 -6.88 -2.03
CA PHE A 197 18.40 -7.89 -1.83
C PHE A 197 18.06 -9.05 -0.88
N LEU A 198 17.08 -8.85 0.00
CA LEU A 198 16.52 -9.92 0.82
C LEU A 198 15.47 -10.80 0.11
N ASN A 199 15.03 -10.39 -1.09
CA ASN A 199 14.04 -11.13 -1.88
C ASN A 199 14.54 -11.18 -3.29
N SER A 200 15.63 -11.90 -3.50
CA SER A 200 16.41 -11.79 -4.74
C SER A 200 15.53 -12.21 -5.90
N GLY A 201 15.67 -11.49 -7.02
CA GLY A 201 14.86 -11.68 -8.20
C GLY A 201 13.72 -10.66 -8.34
N VAL A 202 13.29 -10.02 -7.23
CA VAL A 202 12.22 -9.02 -7.29
C VAL A 202 12.76 -7.63 -7.66
N SER A 203 12.10 -6.99 -8.60
CA SER A 203 12.45 -5.67 -9.07
C SER A 203 11.60 -4.66 -8.29
N ILE A 204 12.25 -3.71 -7.63
CA ILE A 204 11.54 -2.64 -6.94
C ILE A 204 11.98 -1.33 -7.55
N ARG A 205 11.02 -0.57 -8.09
CA ARG A 205 11.27 0.80 -8.60
C ARG A 205 10.70 1.81 -7.59
N LEU A 206 11.47 2.89 -7.39
CA LEU A 206 11.08 3.99 -6.51
C LEU A 206 11.10 5.23 -7.38
N ARG A 207 9.97 5.94 -7.43
CA ARG A 207 9.80 7.10 -8.28
CA ARG A 207 9.79 7.11 -8.28
C ARG A 207 9.30 8.24 -7.41
N ASP A 208 9.94 9.40 -7.51
CA ASP A 208 9.50 10.57 -6.75
C ASP A 208 9.01 11.64 -7.73
N LYS A 209 7.69 11.88 -7.78
CA LYS A 209 7.10 12.88 -8.65
C LYS A 209 7.33 14.31 -8.17
N ARG A 210 7.70 14.52 -6.90
CA ARG A 210 8.07 15.85 -6.45
C ARG A 210 9.36 16.38 -7.02
N ASP A 211 10.29 15.50 -7.44
CA ASP A 211 11.50 15.94 -8.18
C ASP A 211 12.01 15.11 -9.38
N GLY A 212 11.26 14.12 -9.82
CA GLY A 212 11.69 13.28 -10.96
C GLY A 212 12.77 12.25 -10.63
N LYS A 213 13.09 12.07 -9.36
CA LYS A 213 14.14 11.16 -8.96
C LYS A 213 13.56 9.77 -9.10
N GLU A 214 14.38 8.84 -9.55
CA GLU A 214 13.95 7.47 -9.73
C GLU A 214 15.11 6.53 -9.45
N ASP A 215 14.81 5.37 -8.86
CA ASP A 215 15.80 4.29 -8.64
C ASP A 215 15.19 2.97 -9.03
N HIS A 216 16.06 2.01 -9.35
CA HIS A 216 15.67 0.64 -9.67
C HIS A 216 16.54 -0.31 -8.85
N PHE A 217 15.91 -1.03 -7.92
CA PHE A 217 16.60 -1.95 -7.04
C PHE A 217 16.28 -3.38 -7.47
N HIS A 218 17.31 -4.13 -7.90
N HIS A 218 17.31 -4.12 -7.89
CA HIS A 218 17.14 -5.54 -8.21
CA HIS A 218 17.18 -5.53 -8.31
C HIS A 218 18.47 -6.26 -8.12
C HIS A 218 18.50 -6.22 -8.05
N TYR A 219 18.43 -7.46 -7.56
CA TYR A 219 19.62 -8.26 -7.22
C TYR A 219 19.52 -9.66 -7.81
N GLU A 220 20.63 -10.11 -8.37
CA GLU A 220 20.84 -11.49 -8.82
C GLU A 220 21.99 -12.13 -8.09
#